data_3FGU
#
_entry.id   3FGU
#
_cell.length_a   65.880
_cell.length_b   82.120
_cell.length_c   86.830
_cell.angle_alpha   90.00
_cell.angle_beta   90.00
_cell.angle_gamma   90.00
#
_symmetry.space_group_name_H-M   'P 21 21 21'
#
loop_
_entity.id
_entity.type
_entity.pdbx_description
1 polymer Glucokinase
2 non-polymer beta-D-glucopyranose
3 non-polymer 'PHOSPHOAMINOPHOSPHONIC ACID-ADENYLATE ESTER'
4 non-polymer 'MAGNESIUM ION'
5 non-polymer 'POTASSIUM ION'
6 water water
#
_entity_poly.entity_id   1
_entity_poly.type   'polypeptide(L)'
_entity_poly.pdbx_seq_one_letter_code
;MGHHHHHHENLYFQGMKKEKVEQILAEFQLQEEDLKKVMRRMQKEMDRGLRLETHEEASVKMLPTYVRSTPEGSEVGDFL
SLDLGGTNFRVMLVKVGEGEEGQWSVKTKHQMYSIPEDAMTGTAEMLFDYISECISDFLDKHQMKHKKLPLGFTFSFPVR
HEDIDKGILLNWTKGFKASGAEGNNVVGLLRDAIKRRGDFEMDVVAMVNDTVATMISCYYEDHQCEVGMIVGTGCNACYM
EEMQNVELVEGDEGRMCVNTEWGAFGDSGELDEFLLEYDRLVDESSANPGQQLYEKLIGGKYMGELVRLVLLRLVDENLL
FHGEASEQLRTRGAFETRFVSQVESDTGDRKQIYNILSTLGLRPSTTDCDIVRRACESVSTRAAHMCSAGLAGVINRMRE
SRSEDVMRITVGVDGSVYKLHPSFKERFHASVRRLTPSCEITFIESEEGSGRGAALVSAVACKKACMLGQ
;
_entity_poly.pdbx_strand_id   A
#
# COMPACT_ATOMS: atom_id res chain seq x y z
N ASN A 10 37.81 21.94 -10.28
CA ASN A 10 36.97 23.15 -10.46
C ASN A 10 35.61 22.93 -9.80
N LEU A 11 35.24 23.84 -8.88
CA LEU A 11 33.87 23.97 -8.41
C LEU A 11 32.98 24.36 -9.56
N TYR A 12 33.53 25.05 -10.56
CA TYR A 12 32.77 25.38 -11.75
C TYR A 12 32.30 24.13 -12.49
N PHE A 13 33.12 23.09 -12.52
CA PHE A 13 32.77 21.85 -13.23
C PHE A 13 31.88 20.92 -12.40
N GLN A 14 31.98 20.99 -11.09
CA GLN A 14 31.09 20.26 -10.20
CA GLN A 14 31.07 20.25 -10.21
C GLN A 14 29.66 20.81 -10.34
N GLY A 15 29.56 22.14 -10.44
CA GLY A 15 28.28 22.82 -10.59
C GLY A 15 27.63 22.63 -11.96
N MET A 16 28.47 22.46 -12.98
CA MET A 16 27.98 22.13 -14.32
C MET A 16 27.42 20.71 -14.39
N LYS A 17 28.05 19.78 -13.67
CA LYS A 17 27.51 18.43 -13.47
C LYS A 17 26.15 18.49 -12.78
N LYS A 18 26.07 19.30 -11.74
CA LYS A 18 24.81 19.49 -10.98
C LYS A 18 23.69 20.15 -11.81
N GLU A 19 24.02 21.08 -12.70
CA GLU A 19 23.03 21.71 -13.59
C GLU A 19 22.41 20.72 -14.58
N LYS A 20 23.25 19.80 -15.08
CA LYS A 20 22.85 18.80 -16.08
C LYS A 20 21.97 17.73 -15.45
N VAL A 21 22.33 17.31 -14.24
CA VAL A 21 21.51 16.45 -13.40
C VAL A 21 20.12 17.07 -13.23
N GLU A 22 20.07 18.36 -12.88
CA GLU A 22 18.78 19.00 -12.66
C GLU A 22 17.91 18.97 -13.92
N GLN A 23 18.52 19.15 -15.08
CA GLN A 23 17.80 19.08 -16.36
C GLN A 23 17.15 17.71 -16.55
N ILE A 24 17.93 16.66 -16.28
CA ILE A 24 17.43 15.28 -16.33
C ILE A 24 16.35 15.05 -15.26
N LEU A 25 16.62 15.50 -14.03
CA LEU A 25 15.68 15.32 -12.92
C LEU A 25 14.35 16.12 -13.02
N ALA A 26 14.37 17.22 -13.77
CA ALA A 26 13.18 18.04 -14.05
C ALA A 26 12.03 17.20 -14.61
N GLU A 27 12.37 16.08 -15.23
CA GLU A 27 11.38 15.14 -15.80
C GLU A 27 10.38 14.59 -14.78
N PHE A 28 10.79 14.48 -13.53
CA PHE A 28 9.92 14.01 -12.45
C PHE A 28 8.91 15.02 -11.93
N GLN A 29 9.04 16.28 -12.37
CA GLN A 29 8.14 17.34 -11.93
C GLN A 29 6.75 17.10 -12.48
N LEU A 30 5.77 17.35 -11.66
CA LEU A 30 4.37 17.41 -12.07
C LEU A 30 3.82 18.77 -11.62
N GLN A 31 3.29 19.56 -12.56
CA GLN A 31 2.66 20.86 -12.24
C GLN A 31 1.36 20.62 -11.48
N GLU A 32 0.84 21.67 -10.84
CA GLU A 32 -0.43 21.55 -10.08
C GLU A 32 -1.60 21.12 -10.99
N GLU A 33 -1.59 21.58 -12.25
CA GLU A 33 -2.61 21.19 -13.22
C GLU A 33 -2.47 19.73 -13.65
N ASP A 34 -1.25 19.20 -13.65
CA ASP A 34 -1.02 17.77 -13.93
C ASP A 34 -1.72 16.91 -12.87
N LEU A 35 -1.56 17.32 -11.61
CA LEU A 35 -2.21 16.67 -10.49
C LEU A 35 -3.73 16.73 -10.54
N LYS A 36 -4.27 17.88 -10.93
CA LYS A 36 -5.72 18.04 -11.05
C LYS A 36 -6.27 17.13 -12.16
N LYS A 37 -5.46 16.98 -13.21
CA LYS A 37 -5.77 16.10 -14.34
C LYS A 37 -5.79 14.63 -13.89
N VAL A 38 -4.74 14.20 -13.20
CA VAL A 38 -4.69 12.85 -12.63
C VAL A 38 -5.86 12.59 -11.65
N MET A 39 -6.14 13.58 -10.80
CA MET A 39 -7.26 13.53 -9.87
C MET A 39 -8.62 13.33 -10.57
N ARG A 40 -8.90 14.16 -11.59
CA ARG A 40 -10.13 14.02 -12.40
C ARG A 40 -10.25 12.67 -13.10
N ARG A 41 -9.16 12.23 -13.72
CA ARG A 41 -9.12 10.91 -14.33
C ARG A 41 -9.38 9.82 -13.30
N MET A 42 -8.75 9.93 -12.13
CA MET A 42 -8.95 8.99 -11.01
C MET A 42 -10.39 8.94 -10.55
N GLN A 43 -11.02 10.11 -10.47
CA GLN A 43 -12.42 10.24 -10.05
C GLN A 43 -13.34 9.60 -11.09
N LYS A 44 -13.00 9.82 -12.37
CA LYS A 44 -13.70 9.19 -13.45
C LYS A 44 -13.59 7.67 -13.39
N GLU A 45 -12.40 7.15 -13.10
CA GLU A 45 -12.25 5.68 -12.99
C GLU A 45 -13.01 5.10 -11.80
N MET A 46 -13.04 5.83 -10.68
CA MET A 46 -13.82 5.45 -9.50
C MET A 46 -15.33 5.40 -9.79
N ASP A 47 -15.83 6.40 -10.51
CA ASP A 47 -17.22 6.36 -10.99
C ASP A 47 -17.52 5.08 -11.77
N ARG A 48 -16.62 4.73 -12.68
CA ARG A 48 -16.78 3.57 -13.56
C ARG A 48 -16.80 2.23 -12.79
N GLY A 49 -15.90 2.07 -11.82
CA GLY A 49 -15.80 0.85 -11.02
C GLY A 49 -17.01 0.54 -10.15
N LEU A 50 -17.72 1.59 -9.74
CA LEU A 50 -18.92 1.45 -8.91
C LEU A 50 -20.17 1.05 -9.70
N ARG A 51 -20.15 1.27 -11.01
CA ARG A 51 -21.34 1.06 -11.85
C ARG A 51 -21.30 -0.30 -12.50
N LEU A 52 -22.44 -0.98 -12.47
CA LEU A 52 -22.64 -2.30 -13.08
C LEU A 52 -22.24 -2.29 -14.56
N GLU A 53 -22.72 -1.28 -15.28
CA GLU A 53 -22.46 -1.16 -16.72
C GLU A 53 -20.97 -1.17 -17.07
N THR A 54 -20.16 -0.53 -16.23
CA THR A 54 -18.74 -0.28 -16.53
C THR A 54 -17.73 -1.01 -15.62
N HIS A 55 -18.21 -1.65 -14.56
CA HIS A 55 -17.33 -2.30 -13.58
C HIS A 55 -16.25 -3.26 -14.18
N GLU A 56 -16.64 -4.13 -15.10
CA GLU A 56 -15.70 -5.13 -15.66
CA GLU A 56 -15.69 -5.13 -15.62
C GLU A 56 -14.55 -4.48 -16.41
N GLU A 57 -14.83 -3.41 -17.14
CA GLU A 57 -13.76 -2.76 -17.87
C GLU A 57 -12.96 -1.75 -17.03
N ALA A 58 -13.55 -1.24 -15.96
CA ALA A 58 -12.91 -0.25 -15.09
C ALA A 58 -11.61 -0.79 -14.52
N SER A 59 -10.54 -0.02 -14.60
CA SER A 59 -9.26 -0.44 -14.04
C SER A 59 -9.18 -0.18 -12.54
N VAL A 60 -10.01 0.72 -12.04
CA VAL A 60 -10.12 0.98 -10.60
C VAL A 60 -11.42 0.31 -10.14
N LYS A 61 -11.26 -0.83 -9.48
CA LYS A 61 -12.34 -1.80 -9.32
C LYS A 61 -13.36 -1.48 -8.23
N MET A 62 -13.04 -0.62 -7.29
CA MET A 62 -14.06 -0.15 -6.33
C MET A 62 -14.86 -1.31 -5.75
N LEU A 63 -14.14 -2.21 -5.09
CA LEU A 63 -14.68 -3.49 -4.63
C LEU A 63 -15.37 -3.36 -3.28
N PRO A 64 -16.67 -3.73 -3.23
CA PRO A 64 -17.38 -3.83 -1.96
C PRO A 64 -16.72 -4.79 -0.95
N THR A 65 -16.64 -4.35 0.30
CA THR A 65 -15.94 -5.07 1.36
C THR A 65 -16.90 -5.77 2.31
N TYR A 66 -18.19 -5.42 2.23
CA TYR A 66 -19.23 -5.80 3.21
C TYR A 66 -18.94 -5.42 4.68
N VAL A 67 -18.10 -4.41 4.87
CA VAL A 67 -17.95 -3.74 6.17
C VAL A 67 -18.77 -2.48 6.07
N ARG A 68 -19.79 -2.39 6.92
CA ARG A 68 -20.82 -1.35 6.84
C ARG A 68 -20.66 -0.32 7.92
N SER A 69 -21.41 0.77 7.74
CA SER A 69 -21.48 1.87 8.68
C SER A 69 -22.21 1.45 9.95
N THR A 70 -23.32 0.74 9.78
CA THR A 70 -24.10 0.25 10.91
C THR A 70 -23.80 -1.24 11.11
N PRO A 71 -22.76 -1.57 11.91
CA PRO A 71 -22.37 -2.95 12.14
C PRO A 71 -23.07 -3.59 13.34
N SER A 74 -21.48 -6.16 18.51
CA SER A 74 -20.28 -6.97 18.34
C SER A 74 -19.91 -7.74 19.60
N GLU A 75 -18.99 -8.70 19.43
CA GLU A 75 -18.59 -9.64 20.49
C GLU A 75 -17.34 -9.13 21.22
N VAL A 76 -16.98 -9.79 22.31
CA VAL A 76 -15.76 -9.50 23.06
C VAL A 76 -14.94 -10.78 23.26
N GLY A 77 -13.75 -10.64 23.84
CA GLY A 77 -12.85 -11.77 24.12
C GLY A 77 -11.62 -11.84 23.20
N ASP A 78 -11.00 -13.01 23.16
CA ASP A 78 -9.74 -13.25 22.45
C ASP A 78 -9.95 -13.47 20.96
N PHE A 79 -9.16 -12.78 20.14
CA PHE A 79 -9.23 -12.90 18.69
C PHE A 79 -7.85 -13.17 18.10
N LEU A 80 -7.81 -13.89 16.99
CA LEU A 80 -6.55 -14.14 16.31
C LEU A 80 -6.58 -13.39 14.99
N SER A 81 -5.50 -12.67 14.71
CA SER A 81 -5.41 -11.88 13.49
C SER A 81 -4.28 -12.40 12.65
N LEU A 82 -4.56 -12.57 11.37
CA LEU A 82 -3.55 -12.92 10.38
C LEU A 82 -3.35 -11.74 9.46
N ASP A 83 -2.12 -11.54 8.99
CA ASP A 83 -1.83 -10.46 8.05
C ASP A 83 -0.87 -10.91 6.96
N LEU A 84 -1.34 -10.91 5.71
CA LEU A 84 -0.52 -11.30 4.57
C LEU A 84 -0.62 -10.23 3.47
N GLY A 85 0.54 -9.70 3.08
CA GLY A 85 0.60 -8.69 2.04
C GLY A 85 2.00 -8.25 1.68
N GLY A 86 2.88 -8.19 2.67
CA GLY A 86 4.29 -7.85 2.45
C GLY A 86 5.20 -9.07 2.40
N THR A 87 6.49 -8.84 2.67
CA THR A 87 7.45 -9.95 2.70
C THR A 87 7.24 -10.81 3.95
N ASN A 88 6.54 -10.25 4.94
CA ASN A 88 6.35 -10.91 6.23
CA ASN A 88 6.36 -10.91 6.25
C ASN A 88 4.89 -11.23 6.57
N PHE A 89 4.67 -12.41 7.11
CA PHE A 89 3.33 -12.86 7.53
C PHE A 89 3.27 -12.65 9.04
N ARG A 90 2.22 -11.99 9.51
CA ARG A 90 2.11 -11.65 10.92
C ARG A 90 0.87 -12.30 11.55
N VAL A 91 1.06 -12.92 12.70
CA VAL A 91 -0.02 -13.49 13.50
C VAL A 91 -0.05 -12.78 14.85
N MET A 92 -1.24 -12.52 15.37
CA MET A 92 -1.32 -11.83 16.63
C MET A 92 -2.61 -12.14 17.39
N LEU A 93 -2.48 -12.23 18.70
CA LEU A 93 -3.62 -12.37 19.61
C LEU A 93 -4.02 -10.96 20.04
N VAL A 94 -5.30 -10.64 19.88
CA VAL A 94 -5.80 -9.33 20.27
C VAL A 94 -7.06 -9.45 21.12
N LYS A 95 -7.13 -8.60 22.15
CA LYS A 95 -8.28 -8.55 23.06
CA LYS A 95 -8.28 -8.54 23.06
C LYS A 95 -9.21 -7.40 22.65
N VAL A 96 -10.48 -7.74 22.44
CA VAL A 96 -11.52 -6.78 22.07
C VAL A 96 -12.48 -6.64 23.25
N GLY A 97 -12.75 -5.40 23.65
CA GLY A 97 -13.61 -5.12 24.80
C GLY A 97 -14.34 -3.80 24.63
N GLU A 98 -15.31 -3.54 25.53
CA GLU A 98 -16.19 -2.38 25.42
C GLU A 98 -15.66 -1.18 26.19
N GLY A 102 -17.69 2.59 22.09
CA GLY A 102 -17.57 1.33 21.37
C GLY A 102 -16.40 0.46 21.83
N GLN A 103 -15.87 -0.33 20.90
CA GLN A 103 -14.91 -1.38 21.22
C GLN A 103 -13.45 -0.93 21.11
N TRP A 104 -12.68 -1.14 22.18
CA TRP A 104 -11.23 -0.99 22.13
C TRP A 104 -10.58 -2.32 21.71
N SER A 105 -9.35 -2.25 21.24
CA SER A 105 -8.60 -3.46 20.90
C SER A 105 -7.12 -3.26 21.23
N VAL A 106 -6.45 -4.33 21.65
CA VAL A 106 -5.07 -4.24 22.13
C VAL A 106 -4.25 -5.47 21.70
N LYS A 107 -3.08 -5.20 21.10
CA LYS A 107 -2.14 -6.26 20.72
C LYS A 107 -1.49 -6.82 21.98
N THR A 108 -1.72 -8.11 22.24
CA THR A 108 -1.25 -8.74 23.48
C THR A 108 -0.18 -9.79 23.23
N LYS A 109 -0.29 -10.53 22.13
CA LYS A 109 0.79 -11.40 21.67
C LYS A 109 0.93 -11.27 20.15
N HIS A 110 2.17 -11.34 19.67
CA HIS A 110 2.46 -11.11 18.26
C HIS A 110 3.68 -11.90 17.80
N GLN A 111 3.61 -12.43 16.58
CA GLN A 111 4.80 -12.93 15.95
C GLN A 111 4.70 -12.80 14.44
N MET A 112 5.85 -12.52 13.82
CA MET A 112 5.93 -12.43 12.37
CA MET A 112 5.97 -12.37 12.38
C MET A 112 6.94 -13.41 11.83
N TYR A 113 6.66 -13.85 10.62
CA TYR A 113 7.44 -14.87 9.96
C TYR A 113 7.84 -14.40 8.57
N SER A 114 9.06 -14.73 8.20
CA SER A 114 9.56 -14.41 6.87
C SER A 114 9.01 -15.44 5.91
N ILE A 115 8.44 -14.97 4.79
CA ILE A 115 7.88 -15.89 3.80
C ILE A 115 8.98 -16.36 2.85
N PRO A 116 9.26 -17.67 2.82
CA PRO A 116 10.25 -18.21 1.88
C PRO A 116 9.89 -17.88 0.44
N GLU A 117 10.92 -17.65 -0.38
CA GLU A 117 10.77 -17.30 -1.80
CA GLU A 117 10.70 -17.28 -1.78
C GLU A 117 9.84 -18.30 -2.51
N ASP A 118 10.13 -19.58 -2.31
CA ASP A 118 9.34 -20.69 -2.89
C ASP A 118 7.84 -20.62 -2.59
N ALA A 119 7.47 -20.13 -1.39
CA ALA A 119 6.07 -20.04 -0.99
C ALA A 119 5.32 -18.86 -1.63
N MET A 120 6.02 -17.79 -2.00
CA MET A 120 5.37 -16.63 -2.67
C MET A 120 5.19 -16.84 -4.17
N THR A 121 6.08 -17.64 -4.75
CA THR A 121 6.15 -17.86 -6.19
C THR A 121 5.88 -19.32 -6.62
N GLY A 122 5.69 -20.23 -5.65
CA GLY A 122 5.32 -21.61 -5.92
C GLY A 122 3.83 -21.83 -6.12
N THR A 123 3.25 -22.77 -5.37
CA THR A 123 1.83 -23.09 -5.48
C THR A 123 1.07 -22.48 -4.32
N ALA A 124 -0.23 -22.25 -4.49
CA ALA A 124 -1.07 -21.79 -3.38
C ALA A 124 -0.97 -22.74 -2.19
N GLU A 125 -0.92 -24.04 -2.48
CA GLU A 125 -0.80 -25.06 -1.44
C GLU A 125 0.44 -24.84 -0.56
N MET A 126 1.59 -24.64 -1.18
CA MET A 126 2.82 -24.25 -0.46
C MET A 126 2.60 -23.01 0.40
N LEU A 127 2.08 -21.96 -0.22
CA LEU A 127 1.82 -20.68 0.47
C LEU A 127 1.00 -20.87 1.73
N PHE A 128 -0.17 -21.50 1.59
CA PHE A 128 -1.09 -21.63 2.70
C PHE A 128 -0.68 -22.74 3.69
N ASP A 129 0.04 -23.75 3.20
CA ASP A 129 0.71 -24.70 4.09
C ASP A 129 1.69 -23.96 5.01
N TYR A 130 2.53 -23.11 4.43
CA TYR A 130 3.45 -22.29 5.23
C TYR A 130 2.71 -21.37 6.22
N ILE A 131 1.60 -20.76 5.79
CA ILE A 131 0.77 -19.96 6.67
C ILE A 131 0.25 -20.77 7.84
N SER A 132 -0.20 -21.98 7.58
CA SER A 132 -0.77 -22.82 8.64
C SER A 132 0.29 -23.31 9.63
N GLU A 133 1.45 -23.66 9.09
CA GLU A 133 2.61 -23.97 9.91
C GLU A 133 2.90 -22.82 10.86
N CYS A 134 2.96 -21.60 10.33
CA CYS A 134 3.15 -20.40 11.15
C CYS A 134 2.09 -20.27 12.25
N ILE A 135 0.82 -20.44 11.90
CA ILE A 135 -0.24 -20.34 12.89
C ILE A 135 -0.09 -21.36 14.04
N SER A 136 0.29 -22.61 13.73
CA SER A 136 0.51 -23.62 14.78
C SER A 136 1.72 -23.36 15.69
N ASP A 137 2.83 -22.91 15.12
CA ASP A 137 3.98 -22.46 15.91
C ASP A 137 3.56 -21.34 16.88
N PHE A 138 2.75 -20.40 16.40
CA PHE A 138 2.28 -19.30 17.24
C PHE A 138 1.39 -19.80 18.35
N LEU A 139 0.48 -20.70 18.02
CA LEU A 139 -0.42 -21.30 19.02
C LEU A 139 0.37 -22.22 19.97
N ASP A 140 1.51 -22.72 19.51
CA ASP A 140 2.47 -23.43 20.37
C ASP A 140 3.16 -22.46 21.33
N LYS A 141 3.81 -21.44 20.77
CA LYS A 141 4.56 -20.47 21.60
C LYS A 141 3.69 -19.73 22.63
N HIS A 142 2.38 -20.00 22.66
CA HIS A 142 1.47 -19.37 23.61
C HIS A 142 0.42 -20.33 24.20
N GLN A 143 0.69 -21.63 24.10
CA GLN A 143 -0.09 -22.66 24.76
C GLN A 143 -1.59 -22.41 24.59
N MET A 144 -2.01 -22.18 23.36
CA MET A 144 -3.42 -21.87 23.09
C MET A 144 -3.95 -22.54 21.83
N LYS A 145 -3.37 -23.69 21.49
CA LYS A 145 -3.79 -24.46 20.31
C LYS A 145 -4.99 -25.37 20.62
N LYS A 148 -10.00 -22.50 20.37
CA LYS A 148 -10.59 -22.30 19.04
C LYS A 148 -11.15 -20.88 18.91
N LEU A 149 -10.25 -19.93 18.66
CA LEU A 149 -10.57 -18.50 18.60
C LEU A 149 -11.31 -18.17 17.30
N PRO A 150 -11.99 -17.00 17.28
CA PRO A 150 -12.47 -16.44 16.01
C PRO A 150 -11.34 -15.71 15.26
N LEU A 151 -11.23 -15.97 13.96
CA LEU A 151 -10.05 -15.63 13.18
C LEU A 151 -10.37 -14.58 12.15
N GLY A 152 -9.60 -13.49 12.17
CA GLY A 152 -9.65 -12.43 11.16
C GLY A 152 -8.43 -12.45 10.25
N PHE A 153 -8.67 -12.32 8.94
CA PHE A 153 -7.61 -12.41 7.95
C PHE A 153 -7.43 -11.09 7.22
N THR A 154 -6.42 -10.32 7.60
CA THR A 154 -6.01 -9.16 6.77
C THR A 154 -5.23 -9.71 5.58
N PHE A 155 -5.79 -9.57 4.39
CA PHE A 155 -5.27 -10.18 3.18
C PHE A 155 -5.25 -9.09 2.13
N SER A 156 -4.06 -8.57 1.85
CA SER A 156 -3.93 -7.29 1.15
C SER A 156 -3.76 -7.43 -0.36
N PHE A 157 -4.80 -7.93 -1.00
CA PHE A 157 -4.82 -8.17 -2.45
C PHE A 157 -6.26 -7.99 -2.94
N PRO A 158 -6.46 -7.67 -4.24
CA PRO A 158 -7.82 -7.48 -4.75
C PRO A 158 -8.69 -8.74 -4.65
N VAL A 159 -9.75 -8.62 -3.87
CA VAL A 159 -10.68 -9.69 -3.59
C VAL A 159 -12.07 -9.19 -3.95
N ARG A 160 -12.80 -10.01 -4.69
CA ARG A 160 -14.20 -9.78 -4.99
CA ARG A 160 -14.20 -9.75 -4.98
CA ARG A 160 -14.21 -9.75 -4.97
C ARG A 160 -15.05 -10.51 -3.95
N HIS A 161 -15.70 -9.75 -3.07
CA HIS A 161 -16.45 -10.34 -1.98
C HIS A 161 -17.86 -10.70 -2.37
N GLU A 162 -18.31 -11.83 -1.84
CA GLU A 162 -19.74 -12.13 -1.77
C GLU A 162 -20.26 -11.80 -0.40
N ASP A 163 -19.38 -11.90 0.60
CA ASP A 163 -19.66 -11.45 1.95
C ASP A 163 -18.35 -11.14 2.69
N ILE A 164 -18.45 -10.85 3.97
CA ILE A 164 -17.28 -10.57 4.81
C ILE A 164 -16.34 -11.77 4.98
N ASP A 165 -16.87 -13.00 4.82
CA ASP A 165 -16.15 -14.25 5.07
C ASP A 165 -15.84 -15.04 3.80
N LYS A 166 -16.18 -14.48 2.64
CA LYS A 166 -16.05 -15.18 1.39
C LYS A 166 -15.75 -14.20 0.27
N GLY A 167 -14.68 -14.45 -0.47
CA GLY A 167 -14.37 -13.66 -1.66
C GLY A 167 -13.25 -14.32 -2.41
N ILE A 168 -13.18 -14.08 -3.71
CA ILE A 168 -12.15 -14.65 -4.56
C ILE A 168 -11.02 -13.65 -4.89
N LEU A 169 -9.81 -14.18 -5.03
CA LEU A 169 -8.65 -13.39 -5.38
C LEU A 169 -8.77 -13.09 -6.86
N LEU A 170 -8.73 -11.81 -7.19
CA LEU A 170 -8.85 -11.36 -8.57
C LEU A 170 -7.51 -11.55 -9.25
N ASN A 171 -6.48 -11.00 -8.63
CA ASN A 171 -5.10 -11.23 -9.03
C ASN A 171 -4.10 -10.88 -7.95
N TRP A 172 -2.96 -11.56 -7.97
CA TRP A 172 -1.86 -11.21 -7.12
C TRP A 172 -1.27 -9.86 -7.54
N THR A 173 -0.67 -9.21 -6.56
CA THR A 173 0.05 -7.97 -6.77
C THR A 173 1.30 -8.05 -5.90
N LYS A 174 2.19 -7.07 -6.02
CA LYS A 174 3.39 -6.94 -5.17
C LYS A 174 4.33 -8.13 -5.21
N GLY A 175 4.50 -8.76 -6.36
CA GLY A 175 5.45 -9.87 -6.48
C GLY A 175 4.92 -11.25 -6.11
N PHE A 176 3.72 -11.31 -5.54
CA PHE A 176 3.09 -12.60 -5.27
C PHE A 176 2.72 -13.29 -6.58
N LYS A 177 3.00 -14.59 -6.66
CA LYS A 177 2.68 -15.36 -7.87
C LYS A 177 2.37 -16.85 -7.58
N ALA A 178 1.75 -17.16 -6.45
CA ALA A 178 1.43 -18.54 -6.12
C ALA A 178 0.31 -19.01 -7.03
N SER A 179 0.51 -20.14 -7.67
CA SER A 179 -0.43 -20.65 -8.67
C SER A 179 -1.62 -21.31 -7.98
N GLY A 180 -2.76 -21.30 -8.65
CA GLY A 180 -3.96 -21.95 -8.13
C GLY A 180 -4.74 -21.15 -7.10
N ALA A 181 -4.46 -19.85 -6.98
CA ALA A 181 -5.16 -19.00 -5.99
C ALA A 181 -6.12 -18.03 -6.70
N GLU A 182 -5.70 -17.47 -7.84
CA GLU A 182 -6.53 -16.52 -8.57
C GLU A 182 -7.85 -17.18 -8.99
N GLY A 183 -8.96 -16.49 -8.77
CA GLY A 183 -10.28 -17.01 -9.06
C GLY A 183 -10.82 -18.02 -8.06
N ASN A 184 -10.11 -18.24 -6.96
CA ASN A 184 -10.57 -19.08 -5.86
C ASN A 184 -10.85 -18.30 -4.59
N ASN A 185 -11.70 -18.89 -3.75
CA ASN A 185 -12.06 -18.34 -2.45
C ASN A 185 -10.90 -18.46 -1.47
N VAL A 186 -10.40 -17.30 -1.06
CA VAL A 186 -9.19 -17.21 -0.26
C VAL A 186 -9.36 -17.80 1.13
N VAL A 187 -10.53 -17.59 1.72
CA VAL A 187 -10.87 -18.17 3.01
C VAL A 187 -10.88 -19.69 2.88
N GLY A 188 -11.36 -20.17 1.73
CA GLY A 188 -11.41 -21.59 1.43
C GLY A 188 -10.02 -22.18 1.38
N LEU A 189 -9.10 -21.47 0.74
CA LEU A 189 -7.72 -21.93 0.61
C LEU A 189 -7.05 -22.05 1.98
N LEU A 190 -7.33 -21.08 2.85
CA LEU A 190 -6.81 -21.07 4.20
C LEU A 190 -7.41 -22.19 5.04
N ARG A 191 -8.73 -22.32 5.02
CA ARG A 191 -9.42 -23.43 5.69
C ARG A 191 -8.88 -24.77 5.21
N ASP A 192 -8.69 -24.92 3.88
CA ASP A 192 -8.16 -26.18 3.33
C ASP A 192 -6.81 -26.53 3.92
N ALA A 193 -5.91 -25.56 4.01
CA ALA A 193 -4.53 -25.82 4.45
C ALA A 193 -4.44 -26.15 5.92
N ILE A 194 -5.26 -25.48 6.72
CA ILE A 194 -5.44 -25.76 8.14
C ILE A 194 -5.95 -27.19 8.36
N LYS A 195 -6.98 -27.59 7.61
CA LYS A 195 -7.51 -28.95 7.61
C LYS A 195 -6.47 -30.02 7.21
N ARG A 196 -5.64 -29.71 6.22
CA ARG A 196 -4.60 -30.64 5.78
C ARG A 196 -3.61 -30.95 6.91
N ARG A 197 -3.26 -29.91 7.67
CA ARG A 197 -2.35 -30.04 8.78
C ARG A 197 -3.09 -30.73 9.90
N GLY A 198 -4.25 -30.17 10.22
CA GLY A 198 -5.19 -30.75 11.19
C GLY A 198 -4.71 -30.89 12.63
N ASP A 199 -3.94 -29.92 13.13
CA ASP A 199 -3.52 -29.93 14.55
C ASP A 199 -3.99 -28.69 15.35
N PHE A 200 -4.71 -27.80 14.67
CA PHE A 200 -5.52 -26.79 15.35
C PHE A 200 -6.79 -26.57 14.55
N GLU A 201 -7.70 -25.79 15.14
CA GLU A 201 -8.97 -25.48 14.51
C GLU A 201 -9.31 -24.01 14.74
N MET A 202 -9.75 -23.34 13.69
CA MET A 202 -10.01 -21.92 13.78
C MET A 202 -11.32 -21.60 13.08
N ASP A 203 -12.05 -20.68 13.70
CA ASP A 203 -13.26 -20.12 13.12
C ASP A 203 -12.91 -18.90 12.25
N VAL A 204 -12.71 -19.10 10.94
CA VAL A 204 -12.43 -17.96 10.03
C VAL A 204 -13.70 -17.13 9.77
N VAL A 205 -13.78 -15.98 10.42
CA VAL A 205 -14.99 -15.19 10.47
C VAL A 205 -15.00 -13.99 9.53
N ALA A 206 -13.83 -13.44 9.22
CA ALA A 206 -13.76 -12.24 8.38
C ALA A 206 -12.46 -12.15 7.61
N MET A 207 -12.56 -11.64 6.38
CA MET A 207 -11.39 -11.27 5.57
C MET A 207 -11.48 -9.79 5.14
N VAL A 208 -10.40 -9.07 5.33
CA VAL A 208 -10.35 -7.63 5.06
C VAL A 208 -9.07 -7.22 4.36
N ASN A 209 -9.17 -6.16 3.57
CA ASN A 209 -7.99 -5.55 2.99
C ASN A 209 -7.26 -4.80 4.10
N ASP A 210 -5.96 -4.56 3.94
CA ASP A 210 -5.21 -3.78 4.92
C ASP A 210 -5.69 -2.33 5.08
N THR A 211 -6.19 -1.73 4.01
CA THR A 211 -6.74 -0.37 4.08
C THR A 211 -7.94 -0.32 5.01
N VAL A 212 -8.80 -1.32 4.87
CA VAL A 212 -10.04 -1.45 5.63
C VAL A 212 -9.69 -1.66 7.08
N ALA A 213 -8.77 -2.59 7.35
CA ALA A 213 -8.25 -2.85 8.69
C ALA A 213 -7.72 -1.58 9.38
N THR A 214 -6.89 -0.83 8.66
CA THR A 214 -6.35 0.46 9.13
C THR A 214 -7.47 1.48 9.45
N MET A 215 -8.45 1.61 8.57
CA MET A 215 -9.57 2.51 8.80
C MET A 215 -10.33 2.16 10.07
N ILE A 216 -10.72 0.89 10.20
CA ILE A 216 -11.48 0.39 11.34
C ILE A 216 -10.72 0.55 12.65
N SER A 217 -9.42 0.28 12.65
CA SER A 217 -8.60 0.44 13.86
C SER A 217 -8.53 1.90 14.36
N CYS A 218 -8.72 2.87 13.46
CA CYS A 218 -8.66 4.29 13.85
C CYS A 218 -10.01 4.86 14.37
N TYR A 219 -11.05 4.01 14.40
CA TYR A 219 -12.42 4.49 14.66
C TYR A 219 -12.72 4.75 16.14
N TYR A 220 -12.22 3.88 17.03
CA TYR A 220 -12.46 4.02 18.49
C TYR A 220 -11.98 5.38 19.01
N GLU A 221 -10.84 5.85 18.52
CA GLU A 221 -10.28 7.12 18.98
C GLU A 221 -10.77 8.30 18.14
N ASP A 222 -11.29 8.03 16.94
CA ASP A 222 -11.79 9.08 16.05
C ASP A 222 -12.87 8.54 15.12
N HIS A 223 -14.12 8.85 15.45
CA HIS A 223 -15.27 8.39 14.68
C HIS A 223 -15.42 9.11 13.34
N GLN A 224 -14.61 10.13 13.10
CA GLN A 224 -14.60 10.80 11.79
C GLN A 224 -13.82 10.04 10.74
N CYS A 225 -13.07 9.00 11.15
CA CYS A 225 -12.28 8.18 10.22
C CYS A 225 -13.14 7.28 9.34
N GLU A 226 -13.32 7.71 8.09
CA GLU A 226 -14.02 6.93 7.08
C GLU A 226 -13.19 6.68 5.83
N VAL A 227 -11.88 6.89 5.96
CA VAL A 227 -10.90 6.61 4.90
C VAL A 227 -9.71 5.86 5.48
N GLY A 228 -9.27 4.82 4.78
CA GLY A 228 -8.05 4.10 5.12
C GLY A 228 -7.11 4.12 3.92
N MET A 229 -5.81 4.34 4.21
CA MET A 229 -4.80 4.40 3.18
C MET A 229 -3.52 3.69 3.61
N ILE A 230 -2.93 2.95 2.65
CA ILE A 230 -1.66 2.25 2.84
C ILE A 230 -0.66 2.82 1.86
N VAL A 231 0.49 3.24 2.37
CA VAL A 231 1.63 3.59 1.54
C VAL A 231 2.83 2.83 2.10
N GLY A 232 2.92 1.57 1.68
CA GLY A 232 3.94 0.65 2.15
C GLY A 232 4.66 0.08 0.94
N THR A 233 4.77 -1.24 0.90
CA THR A 233 5.20 -1.99 -0.30
C THR A 233 4.30 -1.63 -1.48
N GLY A 234 3.00 -1.63 -1.20
CA GLY A 234 1.96 -1.25 -2.14
C GLY A 234 1.31 0.05 -1.74
N CYS A 235 0.32 0.47 -2.51
CA CYS A 235 -0.40 1.70 -2.25
C CYS A 235 -1.83 1.49 -2.67
N ASN A 236 -2.76 1.75 -1.76
CA ASN A 236 -4.17 1.57 -1.98
C ASN A 236 -4.99 2.37 -0.97
N ALA A 237 -6.28 2.50 -1.21
CA ALA A 237 -7.13 3.23 -0.29
C ALA A 237 -8.55 2.68 -0.30
N CYS A 238 -9.21 2.80 0.84
CA CYS A 238 -10.63 2.50 0.95
C CYS A 238 -11.39 3.67 1.58
N TYR A 239 -12.69 3.71 1.38
CA TYR A 239 -13.53 4.77 1.96
C TYR A 239 -14.98 4.30 2.14
N MET A 240 -15.70 4.95 3.05
CA MET A 240 -17.14 4.74 3.25
C MET A 240 -17.98 5.41 2.16
N GLU A 241 -18.44 4.60 1.21
CA GLU A 241 -19.32 5.02 0.12
C GLU A 241 -20.79 4.93 0.55
N GLU A 242 -21.64 5.74 -0.08
CA GLU A 242 -23.09 5.65 0.09
C GLU A 242 -23.55 4.33 -0.55
N MET A 243 -24.37 3.56 0.16
CA MET A 243 -24.89 2.32 -0.40
C MET A 243 -25.60 2.53 -1.72
N GLN A 244 -26.19 3.71 -1.94
CA GLN A 244 -26.89 4.00 -3.18
C GLN A 244 -26.00 4.10 -4.40
N ASN A 245 -24.71 4.31 -4.16
CA ASN A 245 -23.73 4.43 -5.23
C ASN A 245 -22.99 3.12 -5.45
N VAL A 246 -23.14 2.16 -4.55
CA VAL A 246 -22.51 0.86 -4.73
C VAL A 246 -23.50 -0.02 -5.50
N GLU A 247 -23.45 0.04 -6.83
CA GLU A 247 -24.41 -0.67 -7.65
C GLU A 247 -24.25 -2.21 -7.61
N LEU A 248 -23.09 -2.68 -7.16
CA LEU A 248 -22.82 -4.11 -7.14
C LEU A 248 -23.45 -4.83 -5.93
N VAL A 249 -23.93 -4.08 -4.94
CA VAL A 249 -24.58 -4.66 -3.77
C VAL A 249 -26.02 -4.17 -3.68
N GLU A 250 -26.94 -5.02 -3.23
CA GLU A 250 -28.35 -4.63 -3.01
C GLU A 250 -28.54 -3.71 -1.80
N GLY A 251 -29.42 -2.73 -1.92
CA GLY A 251 -29.75 -1.84 -0.80
C GLY A 251 -29.18 -0.44 -0.93
N ASP A 252 -29.92 0.55 -0.45
CA ASP A 252 -29.51 1.94 -0.59
C ASP A 252 -29.34 2.66 0.72
N GLU A 253 -29.32 1.94 1.83
CA GLU A 253 -29.38 2.58 3.13
C GLU A 253 -28.01 2.58 3.83
N GLY A 254 -27.59 3.77 4.22
CA GLY A 254 -26.34 3.95 4.93
C GLY A 254 -25.16 3.76 4.02
N ARG A 255 -24.07 3.26 4.58
CA ARG A 255 -22.78 3.27 3.91
C ARG A 255 -22.09 1.91 3.95
N MET A 256 -21.21 1.69 2.96
CA MET A 256 -20.34 0.51 2.91
C MET A 256 -18.93 0.90 2.45
N CYS A 257 -17.93 0.31 3.11
CA CYS A 257 -16.55 0.50 2.73
C CYS A 257 -16.29 -0.08 1.34
N VAL A 258 -15.62 0.71 0.50
CA VAL A 258 -15.17 0.29 -0.82
C VAL A 258 -13.64 0.27 -0.88
N ASN A 259 -13.09 -0.86 -1.36
CA ASN A 259 -11.66 -1.02 -1.63
C ASN A 259 -11.43 -0.57 -3.06
N THR A 260 -10.81 0.60 -3.23
CA THR A 260 -10.68 1.20 -4.56
C THR A 260 -9.81 0.36 -5.48
N GLU A 261 -8.77 -0.23 -4.91
CA GLU A 261 -7.69 -0.86 -5.66
C GLU A 261 -7.14 0.14 -6.69
N TRP A 262 -6.82 1.34 -6.20
CA TRP A 262 -6.38 2.42 -7.07
C TRP A 262 -4.94 2.23 -7.64
N GLY A 263 -4.24 1.21 -7.15
CA GLY A 263 -2.94 0.81 -7.70
C GLY A 263 -2.96 0.45 -9.17
N ALA A 264 -4.08 -0.08 -9.65
CA ALA A 264 -4.28 -0.48 -11.05
C ALA A 264 -4.73 0.69 -11.93
N PHE A 265 -4.89 1.87 -11.33
CA PHE A 265 -5.10 3.08 -12.10
C PHE A 265 -3.91 3.23 -13.01
N GLY A 266 -4.14 3.56 -14.27
CA GLY A 266 -3.06 3.57 -15.24
C GLY A 266 -2.96 2.36 -16.14
N ASP A 267 -3.52 1.23 -15.70
CA ASP A 267 -3.44 -0.05 -16.44
C ASP A 267 -4.18 -0.02 -17.79
N SER A 268 -5.14 0.90 -17.92
CA SER A 268 -5.81 1.16 -19.19
C SER A 268 -5.33 2.42 -19.93
N GLY A 269 -4.11 2.88 -19.64
CA GLY A 269 -3.47 3.99 -20.36
C GLY A 269 -3.64 5.39 -19.76
N GLU A 270 -4.21 5.47 -18.56
CA GLU A 270 -4.64 6.74 -17.98
C GLU A 270 -3.50 7.60 -17.48
N LEU A 271 -2.32 7.02 -17.31
CA LEU A 271 -1.13 7.72 -16.83
C LEU A 271 -0.02 7.84 -17.87
N ASP A 272 -0.30 7.45 -19.13
CA ASP A 272 0.72 7.31 -20.18
C ASP A 272 1.53 8.59 -20.44
N GLU A 273 0.86 9.73 -20.46
CA GLU A 273 1.49 11.07 -20.56
C GLU A 273 2.58 11.27 -19.50
N PHE A 274 2.46 10.58 -18.37
CA PHE A 274 3.31 10.83 -17.19
C PHE A 274 4.39 9.79 -16.94
N LEU A 275 4.31 8.63 -17.59
CA LEU A 275 5.28 7.57 -17.36
C LEU A 275 6.61 7.88 -18.03
N LEU A 276 7.69 7.65 -17.31
CA LEU A 276 9.06 7.94 -17.75
C LEU A 276 9.75 6.63 -18.11
N GLU A 277 10.94 6.72 -18.71
CA GLU A 277 11.76 5.53 -19.03
C GLU A 277 11.97 4.62 -17.80
N TYR A 278 12.14 5.21 -16.63
CA TYR A 278 12.46 4.44 -15.43
C TYR A 278 11.26 3.59 -15.01
N ASP A 279 10.08 4.16 -15.22
CA ASP A 279 8.83 3.49 -14.91
C ASP A 279 8.55 2.30 -15.80
N ARG A 280 8.86 2.45 -17.09
CA ARG A 280 8.72 1.39 -18.07
C ARG A 280 9.65 0.23 -17.70
N LEU A 281 10.90 0.55 -17.40
CA LEU A 281 11.90 -0.44 -16.98
C LEU A 281 11.53 -1.15 -15.69
N VAL A 282 11.02 -0.42 -14.69
CA VAL A 282 10.51 -1.05 -13.47
C VAL A 282 9.32 -1.99 -13.72
N ASP A 283 8.38 -1.53 -14.53
CA ASP A 283 7.24 -2.37 -14.93
C ASP A 283 7.69 -3.66 -15.65
N GLU A 284 8.64 -3.52 -16.59
CA GLU A 284 9.08 -4.65 -17.39
C GLU A 284 9.85 -5.72 -16.61
N SER A 285 10.60 -5.33 -15.59
CA SER A 285 11.34 -6.29 -14.75
C SER A 285 10.53 -6.76 -13.53
N SER A 286 9.27 -6.33 -13.45
CA SER A 286 8.41 -6.72 -12.35
C SER A 286 7.73 -8.06 -12.61
N ALA A 287 7.14 -8.60 -11.55
CA ALA A 287 6.40 -9.85 -11.56
C ALA A 287 5.08 -9.70 -12.27
N ASN A 288 4.58 -8.45 -12.38
CA ASN A 288 3.29 -8.16 -12.98
C ASN A 288 3.31 -7.04 -14.04
N PRO A 289 4.03 -7.24 -15.15
CA PRO A 289 4.18 -6.20 -16.16
C PRO A 289 2.84 -5.75 -16.76
N GLY A 290 2.67 -4.43 -16.87
CA GLY A 290 1.43 -3.83 -17.36
C GLY A 290 0.40 -3.59 -16.27
N GLN A 291 0.67 -4.05 -15.05
CA GLN A 291 -0.33 -3.97 -13.98
C GLN A 291 0.16 -3.16 -12.81
N GLN A 292 -0.80 -2.63 -12.05
CA GLN A 292 -0.50 -1.83 -10.86
C GLN A 292 0.43 -0.64 -11.14
N LEU A 293 0.14 0.08 -12.21
CA LEU A 293 1.06 1.11 -12.69
C LEU A 293 1.10 2.37 -11.80
N TYR A 294 -0.06 2.81 -11.32
CA TYR A 294 -0.13 3.94 -10.38
C TYR A 294 0.63 3.57 -9.09
N GLU A 295 0.41 2.36 -8.59
CA GLU A 295 1.16 1.85 -7.46
C GLU A 295 2.67 1.80 -7.68
N LYS A 296 3.11 1.51 -8.90
CA LYS A 296 4.53 1.46 -9.22
C LYS A 296 5.21 2.83 -9.27
N LEU A 297 4.41 3.91 -9.24
CA LEU A 297 4.95 5.26 -9.08
C LEU A 297 5.13 5.64 -7.61
N ILE A 298 4.54 4.86 -6.71
CA ILE A 298 4.46 5.26 -5.32
C ILE A 298 5.04 4.22 -4.33
N GLY A 299 4.75 2.94 -4.54
CA GLY A 299 5.01 1.91 -3.52
C GLY A 299 6.47 1.70 -3.20
N GLY A 300 6.76 1.29 -1.98
CA GLY A 300 8.13 1.01 -1.55
C GLY A 300 8.77 -0.21 -2.24
N LYS A 301 7.95 -1.12 -2.76
CA LYS A 301 8.51 -2.21 -3.56
C LYS A 301 9.29 -1.71 -4.78
N TYR A 302 8.92 -0.52 -5.26
CA TYR A 302 9.42 0.01 -6.51
C TYR A 302 10.22 1.32 -6.42
N MET A 303 10.07 2.09 -5.32
CA MET A 303 10.66 3.42 -5.20
C MET A 303 12.18 3.42 -5.25
N GLY A 304 12.82 2.56 -4.46
CA GLY A 304 14.28 2.48 -4.45
C GLY A 304 14.85 2.08 -5.81
N GLU A 305 14.23 1.09 -6.44
CA GLU A 305 14.59 0.64 -7.79
C GLU A 305 14.49 1.77 -8.82
N LEU A 306 13.46 2.58 -8.69
CA LEU A 306 13.30 3.79 -9.48
C LEU A 306 14.51 4.69 -9.30
N VAL A 307 14.93 4.87 -8.06
CA VAL A 307 16.11 5.65 -7.78
C VAL A 307 17.36 5.00 -8.35
N ARG A 308 17.52 3.69 -8.16
CA ARG A 308 18.66 2.95 -8.72
C ARG A 308 18.78 3.21 -10.22
N LEU A 309 17.65 3.17 -10.90
CA LEU A 309 17.59 3.37 -12.36
C LEU A 309 17.92 4.81 -12.81
N VAL A 310 17.55 5.81 -12.01
CA VAL A 310 17.99 7.21 -12.25
C VAL A 310 19.50 7.32 -12.09
N LEU A 311 20.02 6.81 -10.99
CA LEU A 311 21.46 6.81 -10.72
C LEU A 311 22.27 6.12 -11.84
N LEU A 312 21.70 5.09 -12.45
CA LEU A 312 22.38 4.39 -13.55
C LEU A 312 22.48 5.28 -14.78
N ARG A 313 21.40 5.97 -15.10
CA ARG A 313 21.40 6.90 -16.22
C ARG A 313 22.44 8.01 -16.01
N LEU A 314 22.51 8.50 -14.78
CA LEU A 314 23.45 9.55 -14.39
C LEU A 314 24.92 9.07 -14.52
N VAL A 315 25.18 7.81 -14.16
CA VAL A 315 26.55 7.29 -14.34
C VAL A 315 26.84 7.10 -15.84
N ASP A 316 25.83 6.72 -16.61
CA ASP A 316 25.96 6.58 -18.05
C ASP A 316 26.22 7.93 -18.77
N GLU A 317 25.67 9.03 -18.24
CA GLU A 317 25.86 10.37 -18.82
C GLU A 317 27.12 11.01 -18.28
N ASN A 318 27.87 10.27 -17.46
CA ASN A 318 29.13 10.73 -16.85
C ASN A 318 28.97 11.80 -15.77
N LEU A 319 27.86 11.71 -15.03
CA LEU A 319 27.51 12.78 -14.11
C LEU A 319 27.63 12.30 -12.66
N LEU A 320 27.94 11.01 -12.47
CA LEU A 320 27.93 10.37 -11.16
C LEU A 320 28.99 9.29 -11.10
N PHE A 321 29.72 9.22 -9.99
CA PHE A 321 30.65 8.12 -9.70
C PHE A 321 31.67 7.94 -10.80
N HIS A 322 32.17 9.05 -11.35
CA HIS A 322 33.21 9.01 -12.37
C HIS A 322 32.79 8.19 -13.60
N GLY A 323 31.50 7.98 -13.81
CA GLY A 323 31.01 7.18 -14.92
C GLY A 323 31.08 5.68 -14.74
N GLU A 324 31.36 5.22 -13.52
CA GLU A 324 31.46 3.80 -13.23
C GLU A 324 30.48 3.33 -12.15
N ALA A 325 29.64 2.36 -12.50
CA ALA A 325 28.66 1.80 -11.59
C ALA A 325 29.18 0.47 -11.07
N SER A 326 29.12 0.30 -9.75
CA SER A 326 29.57 -0.91 -9.09
C SER A 326 28.65 -2.09 -9.37
N GLU A 327 29.19 -3.26 -9.09
CA GLU A 327 28.49 -4.52 -9.22
C GLU A 327 27.17 -4.45 -8.43
N GLN A 328 27.23 -3.95 -7.21
CA GLN A 328 26.04 -3.77 -6.37
C GLN A 328 25.04 -2.77 -6.94
N LEU A 329 25.52 -1.67 -7.53
CA LEU A 329 24.62 -0.66 -8.06
C LEU A 329 23.90 -1.18 -9.30
N ARG A 330 24.52 -2.14 -9.99
CA ARG A 330 23.96 -2.77 -11.17
C ARG A 330 23.14 -4.02 -10.85
N THR A 331 22.95 -4.34 -9.56
CA THR A 331 22.11 -5.46 -9.17
C THR A 331 20.67 -5.00 -8.79
N ARG A 332 19.69 -5.76 -9.27
CA ARG A 332 18.28 -5.44 -9.05
C ARG A 332 17.91 -5.32 -7.58
N GLY A 333 17.13 -4.30 -7.23
CA GLY A 333 16.68 -4.10 -5.85
C GLY A 333 17.73 -3.72 -4.83
N ALA A 334 18.96 -3.47 -5.26
CA ALA A 334 20.09 -3.16 -4.36
C ALA A 334 19.96 -1.79 -3.68
N PHE A 335 19.42 -0.81 -4.40
CA PHE A 335 19.08 0.44 -3.78
C PHE A 335 17.73 0.25 -3.09
N GLU A 336 17.76 -0.06 -1.80
CA GLU A 336 16.57 -0.36 -1.04
C GLU A 336 15.78 0.92 -0.79
N THR A 337 14.46 0.79 -0.66
CA THR A 337 13.61 1.96 -0.44
C THR A 337 13.97 2.64 0.88
N ARG A 338 14.32 1.88 1.92
CA ARG A 338 14.77 2.52 3.14
C ARG A 338 15.99 3.44 2.94
N PHE A 339 16.83 3.13 1.96
CA PHE A 339 17.98 4.00 1.63
C PHE A 339 17.54 5.37 1.14
N VAL A 340 16.37 5.42 0.49
CA VAL A 340 15.78 6.67 0.02
C VAL A 340 15.42 7.55 1.21
N SER A 341 14.73 6.99 2.21
CA SER A 341 14.47 7.68 3.48
C SER A 341 15.74 8.13 4.18
N GLN A 342 16.72 7.23 4.27
CA GLN A 342 17.98 7.52 4.95
C GLN A 342 18.77 8.66 4.31
N VAL A 343 18.89 8.61 2.99
CA VAL A 343 19.52 9.66 2.21
C VAL A 343 18.87 11.01 2.47
N GLU A 344 17.54 11.04 2.46
CA GLU A 344 16.78 12.28 2.68
C GLU A 344 16.61 12.68 4.16
N SER A 345 17.06 11.81 5.07
CA SER A 345 17.26 12.13 6.49
C SER A 345 18.58 12.85 6.77
N ASP A 346 19.46 12.89 5.77
CA ASP A 346 20.76 13.52 5.92
C ASP A 346 20.68 15.00 6.37
N THR A 347 21.52 15.35 7.34
CA THR A 347 21.50 16.68 7.96
C THR A 347 22.30 17.76 7.21
N GLY A 348 23.05 17.37 6.19
CA GLY A 348 23.88 18.32 5.44
C GLY A 348 25.34 17.94 5.33
N ASP A 349 25.85 17.16 6.29
CA ASP A 349 27.26 16.77 6.28
C ASP A 349 27.57 15.59 5.34
N ARG A 350 26.52 14.96 4.82
CA ARG A 350 26.62 13.87 3.81
C ARG A 350 27.03 12.51 4.39
N LYS A 351 27.03 12.38 5.71
CA LYS A 351 27.50 11.14 6.36
C LYS A 351 26.59 9.92 6.11
N GLN A 352 25.27 10.15 6.15
CA GLN A 352 24.33 9.05 5.92
C GLN A 352 24.36 8.60 4.46
N ILE A 353 24.39 9.57 3.56
CA ILE A 353 24.49 9.33 2.13
C ILE A 353 25.81 8.61 1.78
N TYR A 354 26.92 9.06 2.36
CA TYR A 354 28.22 8.44 2.12
C TYR A 354 28.25 6.94 2.49
N ASN A 355 27.75 6.61 3.67
CA ASN A 355 27.82 5.24 4.18
C ASN A 355 26.96 4.26 3.38
N ILE A 356 25.78 4.73 2.95
CA ILE A 356 24.92 3.96 2.04
C ILE A 356 25.63 3.57 0.75
N LEU A 357 26.31 4.54 0.12
CA LEU A 357 26.95 4.32 -1.20
C LEU A 357 28.27 3.56 -1.03
N SER A 358 28.89 3.72 0.13
CA SER A 358 30.09 2.98 0.46
C SER A 358 29.80 1.48 0.52
N THR A 359 28.72 1.11 1.21
CA THR A 359 28.32 -0.28 1.31
C THR A 359 27.84 -0.83 -0.06
N LEU A 360 27.49 0.07 -0.98
CA LEU A 360 27.20 -0.34 -2.36
C LEU A 360 28.46 -0.48 -3.24
N GLY A 361 29.64 -0.49 -2.62
CA GLY A 361 30.91 -0.63 -3.34
C GLY A 361 31.33 0.60 -4.14
N LEU A 362 30.74 1.75 -3.81
CA LEU A 362 31.01 2.96 -4.54
C LEU A 362 31.94 3.82 -3.72
N ARG A 363 32.65 4.71 -4.39
CA ARG A 363 33.54 5.67 -3.73
C ARG A 363 33.07 7.09 -4.02
N PRO A 364 32.00 7.52 -3.32
CA PRO A 364 31.35 8.78 -3.64
C PRO A 364 32.14 10.03 -3.23
N SER A 365 32.15 11.01 -4.12
CA SER A 365 32.65 12.32 -3.78
C SER A 365 31.57 13.02 -2.99
N THR A 366 31.79 14.30 -2.75
CA THR A 366 30.84 15.14 -2.05
C THR A 366 29.65 15.51 -2.96
N THR A 367 29.94 15.78 -4.24
CA THR A 367 28.86 16.10 -5.18
C THR A 367 28.07 14.86 -5.61
N ASP A 368 28.73 13.70 -5.71
CA ASP A 368 28.03 12.44 -5.93
C ASP A 368 26.90 12.28 -4.92
N CYS A 369 27.24 12.47 -3.66
CA CYS A 369 26.28 12.41 -2.56
C CYS A 369 25.11 13.40 -2.75
N ASP A 370 25.43 14.67 -3.04
CA ASP A 370 24.37 15.66 -3.26
C ASP A 370 23.45 15.33 -4.43
N ILE A 371 24.00 14.72 -5.48
CA ILE A 371 23.22 14.29 -6.66
C ILE A 371 22.30 13.08 -6.31
N VAL A 372 22.80 12.17 -5.48
CA VAL A 372 22.00 11.01 -5.07
C VAL A 372 20.81 11.46 -4.26
N ARG A 373 21.03 12.42 -3.35
CA ARG A 373 19.95 13.06 -2.61
C ARG A 373 18.90 13.67 -3.51
N ARG A 374 19.34 14.47 -4.46
CA ARG A 374 18.45 15.09 -5.42
C ARG A 374 17.65 14.07 -6.22
N ALA A 375 18.25 12.91 -6.52
CA ALA A 375 17.59 11.80 -7.23
C ALA A 375 16.48 11.20 -6.41
N CYS A 376 16.79 10.96 -5.13
CA CYS A 376 15.82 10.42 -4.17
C CYS A 376 14.63 11.36 -3.92
N GLU A 377 14.92 12.66 -3.80
CA GLU A 377 13.91 13.68 -3.56
C GLU A 377 12.97 13.78 -4.74
N SER A 378 13.52 13.61 -5.95
CA SER A 378 12.73 13.71 -7.18
C SER A 378 11.77 12.52 -7.31
N VAL A 379 12.27 11.33 -7.00
CA VAL A 379 11.42 10.14 -7.02
C VAL A 379 10.36 10.16 -5.92
N SER A 380 10.75 10.51 -4.69
CA SER A 380 9.80 10.47 -3.56
C SER A 380 8.79 11.61 -3.56
N THR A 381 9.17 12.78 -4.09
CA THR A 381 8.25 13.90 -4.28
C THR A 381 7.20 13.57 -5.33
N ARG A 382 7.62 12.94 -6.43
CA ARG A 382 6.67 12.53 -7.43
C ARG A 382 5.69 11.51 -6.83
N ALA A 383 6.20 10.59 -6.01
CA ALA A 383 5.36 9.61 -5.34
C ALA A 383 4.35 10.29 -4.42
N ALA A 384 4.85 11.21 -3.60
CA ALA A 384 3.97 12.04 -2.73
C ALA A 384 2.93 12.78 -3.53
N HIS A 385 3.34 13.41 -4.62
CA HIS A 385 2.39 14.20 -5.41
C HIS A 385 1.38 13.31 -6.16
N MET A 386 1.84 12.22 -6.78
CA MET A 386 0.90 11.31 -7.44
C MET A 386 -0.08 10.71 -6.43
N CYS A 387 0.42 10.29 -5.27
CA CYS A 387 -0.45 9.75 -4.23
C CYS A 387 -1.50 10.77 -3.81
N SER A 388 -1.08 12.04 -3.69
CA SER A 388 -1.99 13.11 -3.24
C SER A 388 -3.17 13.28 -4.19
N ALA A 389 -2.95 13.09 -5.48
CA ALA A 389 -4.03 13.24 -6.47
C ALA A 389 -5.13 12.18 -6.28
N GLY A 390 -4.75 11.00 -5.82
CA GLY A 390 -5.69 9.90 -5.61
C GLY A 390 -6.53 10.08 -4.37
N LEU A 391 -5.86 10.45 -3.28
CA LEU A 391 -6.57 10.75 -2.05
C LEU A 391 -7.47 11.99 -2.20
N ALA A 392 -7.01 13.01 -2.92
CA ALA A 392 -7.79 14.21 -3.04
C ALA A 392 -9.04 13.84 -3.86
N GLY A 393 -8.87 12.96 -4.86
CA GLY A 393 -10.01 12.51 -5.67
C GLY A 393 -11.10 11.81 -4.86
N VAL A 394 -10.70 10.97 -3.91
CA VAL A 394 -11.59 10.25 -3.00
C VAL A 394 -12.32 11.20 -2.06
N ILE A 395 -11.58 12.09 -1.40
CA ILE A 395 -12.16 13.01 -0.42
C ILE A 395 -13.12 14.01 -1.08
N ASN A 396 -12.73 14.57 -2.21
CA ASN A 396 -13.63 15.39 -3.05
C ASN A 396 -14.90 14.67 -3.53
N ARG A 397 -14.75 13.42 -4.00
CA ARG A 397 -15.93 12.56 -4.30
C ARG A 397 -16.86 12.43 -3.11
N MET A 398 -16.30 12.15 -1.93
CA MET A 398 -17.09 12.00 -0.70
C MET A 398 -17.81 13.28 -0.32
N ARG A 399 -17.13 14.44 -0.48
CA ARG A 399 -17.77 15.72 -0.15
C ARG A 399 -18.98 15.97 -1.04
N GLU A 400 -18.84 15.70 -2.34
CA GLU A 400 -19.94 15.92 -3.28
C GLU A 400 -21.09 14.92 -3.02
N SER A 401 -20.78 13.66 -2.73
CA SER A 401 -21.80 12.66 -2.36
C SER A 401 -22.57 13.04 -1.11
N ARG A 402 -21.90 13.66 -0.15
CA ARG A 402 -22.53 14.07 1.10
C ARG A 402 -23.12 15.48 1.00
N SER A 403 -23.76 15.97 2.07
CA SER A 403 -24.53 17.23 2.01
C SER A 403 -23.89 18.40 2.73
N GLU A 404 -22.67 18.78 2.33
CA GLU A 404 -21.95 19.83 3.06
CA GLU A 404 -21.86 19.74 3.10
C GLU A 404 -20.92 20.57 2.23
N ASP A 405 -20.84 21.87 2.52
CA ASP A 405 -19.96 22.81 1.86
C ASP A 405 -18.55 22.62 2.37
N VAL A 406 -18.41 22.21 3.62
CA VAL A 406 -17.13 21.90 4.21
C VAL A 406 -17.17 20.50 4.76
N MET A 407 -16.33 19.61 4.22
CA MET A 407 -16.26 18.27 4.81
C MET A 407 -15.06 18.10 5.73
N ARG A 408 -15.35 17.61 6.92
CA ARG A 408 -14.37 17.26 7.92
C ARG A 408 -14.29 15.74 7.97
N ILE A 409 -13.08 15.22 7.74
CA ILE A 409 -12.88 13.78 7.55
C ILE A 409 -11.52 13.43 8.14
N THR A 410 -11.43 12.24 8.74
CA THR A 410 -10.16 11.71 9.19
C THR A 410 -9.71 10.58 8.24
N VAL A 411 -8.41 10.54 7.96
CA VAL A 411 -7.78 9.48 7.20
C VAL A 411 -6.82 8.68 8.08
N GLY A 412 -7.04 7.37 8.12
CA GLY A 412 -6.19 6.44 8.85
C GLY A 412 -5.20 5.87 7.87
N VAL A 413 -3.90 5.92 8.21
CA VAL A 413 -2.80 5.67 7.29
C VAL A 413 -1.80 4.76 7.93
N ASP A 414 -1.33 3.79 7.13
CA ASP A 414 -0.26 2.89 7.51
C ASP A 414 0.68 2.68 6.33
N GLY A 415 1.84 2.07 6.60
CA GLY A 415 2.86 1.79 5.60
C GLY A 415 4.19 2.46 5.89
N SER A 416 5.27 1.78 5.58
CA SER A 416 6.62 2.25 5.92
C SER A 416 7.04 3.52 5.17
N VAL A 417 6.51 3.72 3.97
CA VAL A 417 6.86 4.89 3.18
C VAL A 417 6.26 6.16 3.82
N TYR A 418 4.95 6.20 3.99
CA TYR A 418 4.29 7.28 4.72
C TYR A 418 4.90 7.47 6.10
N LYS A 419 5.09 6.36 6.81
CA LYS A 419 5.48 6.41 8.21
C LYS A 419 6.94 6.77 8.47
N LEU A 420 7.86 6.24 7.66
CA LEU A 420 9.29 6.32 7.97
C LEU A 420 10.11 7.28 7.11
N HIS A 421 9.60 7.62 5.92
CA HIS A 421 10.30 8.57 5.07
C HIS A 421 10.14 9.92 5.77
N PRO A 422 11.23 10.71 5.87
CA PRO A 422 11.20 11.94 6.67
C PRO A 422 10.45 13.14 6.07
N SER A 423 10.06 13.09 4.80
CA SER A 423 9.37 14.21 4.17
C SER A 423 8.18 13.84 3.27
N PHE A 424 8.00 12.56 2.98
CA PHE A 424 6.90 12.12 2.14
C PHE A 424 5.59 12.67 2.68
N LYS A 425 5.31 12.32 3.92
CA LYS A 425 4.14 12.73 4.72
C LYS A 425 3.78 14.20 4.54
N GLU A 426 4.79 15.05 4.72
CA GLU A 426 4.63 16.50 4.69
C GLU A 426 4.37 17.02 3.27
N ARG A 427 5.14 16.52 2.30
CA ARG A 427 4.89 16.86 0.89
C ARG A 427 3.50 16.39 0.44
N PHE A 428 3.13 15.19 0.88
CA PHE A 428 1.82 14.58 0.57
C PHE A 428 0.63 15.38 1.12
N HIS A 429 0.71 15.77 2.40
CA HIS A 429 -0.38 16.51 3.05
C HIS A 429 -0.62 17.85 2.36
N ALA A 430 0.48 18.58 2.07
CA ALA A 430 0.43 19.88 1.43
C ALA A 430 -0.27 19.81 0.10
N SER A 431 0.10 18.80 -0.68
CA SER A 431 -0.44 18.62 -1.99
C SER A 431 -1.90 18.23 -1.88
N VAL A 432 -2.22 17.24 -1.04
CA VAL A 432 -3.62 16.87 -0.77
C VAL A 432 -4.45 18.11 -0.41
N ARG A 433 -3.90 18.98 0.44
CA ARG A 433 -4.60 20.20 0.87
C ARG A 433 -4.86 21.19 -0.26
N ARG A 434 -3.89 21.40 -1.14
CA ARG A 434 -4.12 22.25 -2.31
C ARG A 434 -5.31 21.77 -3.13
N LEU A 435 -5.47 20.45 -3.24
CA LEU A 435 -6.45 19.84 -4.15
C LEU A 435 -7.83 19.60 -3.53
N THR A 436 -7.95 19.82 -2.21
CA THR A 436 -9.17 19.59 -1.46
C THR A 436 -9.66 20.87 -0.74
N PRO A 437 -10.05 21.90 -1.51
CA PRO A 437 -10.62 23.09 -0.91
C PRO A 437 -11.98 22.77 -0.30
N SER A 438 -12.29 23.42 0.80
CA SER A 438 -13.53 23.19 1.51
C SER A 438 -13.58 21.77 2.10
N CYS A 439 -12.41 21.18 2.33
CA CYS A 439 -12.26 19.97 3.17
C CYS A 439 -11.25 20.21 4.30
N GLU A 440 -11.61 19.73 5.49
CA GLU A 440 -10.73 19.70 6.64
C GLU A 440 -10.32 18.25 6.89
N ILE A 441 -9.11 17.89 6.49
CA ILE A 441 -8.66 16.50 6.54
C ILE A 441 -7.69 16.27 7.69
N THR A 442 -8.06 15.42 8.64
CA THR A 442 -7.15 15.00 9.68
C THR A 442 -6.51 13.67 9.30
N PHE A 443 -5.19 13.59 9.46
CA PHE A 443 -4.45 12.36 9.20
C PHE A 443 -3.95 11.75 10.51
N ILE A 444 -4.27 10.46 10.74
CA ILE A 444 -3.78 9.71 11.88
C ILE A 444 -3.04 8.49 11.34
N GLU A 445 -1.91 8.15 11.96
CA GLU A 445 -1.20 6.91 11.69
C GLU A 445 -1.77 5.81 12.57
N SER A 446 -2.12 4.68 12.01
CA SER A 446 -2.65 3.57 12.83
C SER A 446 -1.53 2.93 13.67
N GLU A 447 -1.91 2.42 14.83
CA GLU A 447 -1.00 1.69 15.69
C GLU A 447 -1.49 0.24 15.61
N GLU A 448 -0.68 -0.65 15.07
CA GLU A 448 -1.08 -2.06 14.81
C GLU A 448 -2.44 -2.15 14.11
N GLY A 449 -2.58 -1.36 13.06
CA GLY A 449 -3.83 -1.23 12.33
C GLY A 449 -4.40 -2.56 11.89
N SER A 450 -3.58 -3.38 11.23
CA SER A 450 -4.08 -4.61 10.59
C SER A 450 -4.58 -5.64 11.61
N GLY A 451 -3.82 -5.85 12.69
CA GLY A 451 -4.22 -6.79 13.73
C GLY A 451 -5.50 -6.37 14.46
N ARG A 452 -5.53 -5.12 14.88
CA ARG A 452 -6.68 -4.59 15.62
C ARG A 452 -7.91 -4.37 14.73
N GLY A 453 -7.71 -3.85 13.52
CA GLY A 453 -8.80 -3.75 12.55
C GLY A 453 -9.42 -5.09 12.17
N ALA A 454 -8.57 -6.06 11.89
CA ALA A 454 -9.02 -7.43 11.57
C ALA A 454 -9.82 -8.04 12.73
N ALA A 455 -9.28 -7.93 13.95
CA ALA A 455 -9.98 -8.35 15.17
C ALA A 455 -11.34 -7.66 15.35
N LEU A 456 -11.39 -6.35 15.08
CA LEU A 456 -12.61 -5.56 15.28
C LEU A 456 -13.67 -5.97 14.26
N VAL A 457 -13.26 -6.19 13.01
CA VAL A 457 -14.22 -6.64 11.99
C VAL A 457 -14.71 -8.06 12.27
N SER A 458 -13.82 -8.89 12.81
CA SER A 458 -14.20 -10.25 13.20
C SER A 458 -15.31 -10.21 14.25
N ALA A 459 -15.11 -9.46 15.32
CA ALA A 459 -16.09 -9.31 16.42
C ALA A 459 -17.51 -8.90 15.97
N VAL A 460 -17.62 -8.12 14.90
CA VAL A 460 -18.93 -7.75 14.35
C VAL A 460 -19.54 -8.96 13.64
N ALA A 461 -18.76 -9.52 12.71
CA ALA A 461 -19.14 -10.69 11.91
C ALA A 461 -19.41 -11.93 12.77
N CYS A 462 -18.77 -11.97 13.94
CA CYS A 462 -18.89 -13.05 14.92
C CYS A 462 -20.34 -13.31 15.41
N LYS A 463 -21.33 -13.05 14.55
CA LYS A 463 -22.75 -13.14 14.86
C LYS A 463 -23.43 -14.15 13.94
#